data_6H3Z
#
_entry.id   6H3Z
#
_cell.length_a   73.930
_cell.length_b   79.770
_cell.length_c   98.420
_cell.angle_alpha   90.00
_cell.angle_beta   90.00
_cell.angle_gamma   90.00
#
_symmetry.space_group_name_H-M   'P 21 21 21'
#
loop_
_entity.id
_entity.type
_entity.pdbx_description
1 polymer 'CCR4-not transcription complex subunit 1'
2 non-polymer 'SODIUM ION'
#
_entity_poly.entity_id   1
_entity_poly.type   'polypeptide(L)'
_entity_poly.pdbx_seq_one_letter_code
;GPHMLEQAHMGLSNGRPTGLNQIDSRAVAERINKYLEQLTAAATSATEEHFNELPRPHAVLDIIDALIQLIIKAQQTSEE
FAIYALQQISQLLFRQPEGTLLLESLVHVLETIRKIAGPQVSEQVRQLFHQQPGHLFLSLSLIAALLGTDLLDWKNIDMA
MAKALEQRKEGSIDFLEQLMDLVLLNDTPLALFTDFVRSLEAAWAWIVEDPDLPAAQRFKAKVRAQ
;
_entity_poly.pdbx_strand_id   A,B
#
# COMPACT_ATOMS: atom_id res chain seq x y z
N GLY A 19 -34.91 -2.61 -1.87
CA GLY A 19 -35.91 -3.56 -1.42
C GLY A 19 -36.71 -3.12 -0.20
N LEU A 20 -36.37 -1.94 0.36
CA LEU A 20 -37.02 -1.33 1.54
C LEU A 20 -38.03 -0.26 1.11
N ASN A 21 -39.00 0.06 1.99
CA ASN A 21 -40.00 1.12 1.75
C ASN A 21 -39.28 2.48 1.75
N GLN A 22 -39.70 3.42 0.88
CA GLN A 22 -39.07 4.75 0.71
C GLN A 22 -38.86 5.52 2.03
N ILE A 23 -39.73 5.30 3.05
CA ILE A 23 -39.63 5.90 4.39
C ILE A 23 -38.49 5.25 5.20
N ASP A 24 -38.35 3.90 5.12
CA ASP A 24 -37.31 3.09 5.78
C ASP A 24 -35.92 3.38 5.20
N SER A 25 -35.80 3.47 3.85
CA SER A 25 -34.57 3.76 3.12
C SER A 25 -34.04 5.16 3.44
N ARG A 26 -34.96 6.13 3.55
CA ARG A 26 -34.70 7.54 3.89
C ARG A 26 -34.05 7.67 5.29
N ALA A 27 -34.51 6.85 6.27
CA ALA A 27 -33.99 6.85 7.63
C ALA A 27 -32.48 6.56 7.63
N VAL A 28 -32.05 5.56 6.82
CA VAL A 28 -30.66 5.10 6.65
C VAL A 28 -29.82 6.22 6.03
N ALA A 29 -30.39 6.94 5.04
CA ALA A 29 -29.71 8.06 4.36
C ALA A 29 -29.39 9.18 5.35
N GLU A 30 -30.39 9.57 6.15
CA GLU A 30 -30.28 10.60 7.19
C GLU A 30 -29.29 10.19 8.29
N ARG A 31 -29.21 8.88 8.64
CA ARG A 31 -28.24 8.40 9.63
C ARG A 31 -26.81 8.41 9.04
N ILE A 32 -26.66 8.08 7.71
CA ILE A 32 -25.37 8.15 7.01
C ILE A 32 -24.88 9.60 7.16
N ASN A 33 -25.74 10.57 6.84
CA ASN A 33 -25.40 11.98 6.97
C ASN A 33 -25.11 12.39 8.39
N LYS A 34 -25.91 11.93 9.38
CA LYS A 34 -25.63 12.26 10.79
C LYS A 34 -24.28 11.71 11.23
N TYR A 35 -23.86 10.53 10.72
CA TYR A 35 -22.56 9.98 11.03
C TYR A 35 -21.45 10.86 10.46
N LEU A 36 -21.64 11.39 9.21
CA LEU A 36 -20.67 12.26 8.56
C LEU A 36 -20.62 13.62 9.24
N GLU A 37 -21.78 14.12 9.73
CA GLU A 37 -21.87 15.38 10.48
C GLU A 37 -21.09 15.19 11.79
N GLN A 38 -21.32 14.04 12.49
CA GLN A 38 -20.68 13.66 13.75
C GLN A 38 -19.18 13.51 13.62
N LEU A 39 -18.73 12.92 12.49
CA LEU A 39 -17.31 12.69 12.21
C LEU A 39 -16.61 14.01 12.02
N THR A 40 -17.24 14.91 11.24
CA THR A 40 -16.75 16.25 10.95
C THR A 40 -16.47 16.99 12.27
N ALA A 41 -17.41 16.87 13.22
CA ALA A 41 -17.33 17.47 14.54
C ALA A 41 -16.22 16.85 15.39
N ALA A 42 -16.28 15.50 15.54
CA ALA A 42 -15.37 14.69 16.34
C ALA A 42 -13.91 14.77 15.93
N ALA A 43 -13.64 14.77 14.62
CA ALA A 43 -12.29 14.84 14.06
C ALA A 43 -11.73 16.23 14.25
N THR A 44 -12.60 17.26 14.17
CA THR A 44 -12.20 18.65 14.30
C THR A 44 -11.79 18.94 15.74
N SER A 45 -12.68 18.61 16.70
CA SER A 45 -12.44 18.82 18.13
C SER A 45 -11.23 18.04 18.67
N ALA A 46 -11.15 16.71 18.36
CA ALA A 46 -10.07 15.82 18.79
C ALA A 46 -8.68 16.41 18.61
N THR A 47 -7.84 16.22 19.63
CA THR A 47 -6.44 16.67 19.70
C THR A 47 -5.55 15.98 18.64
N GLU A 48 -5.73 14.66 18.45
CA GLU A 48 -4.98 13.83 17.49
C GLU A 48 -5.06 14.44 16.09
N GLU A 49 -3.92 14.52 15.40
CA GLU A 49 -3.86 15.10 14.05
C GLU A 49 -3.91 14.04 12.96
N HIS A 50 -3.68 12.76 13.34
CA HIS A 50 -3.63 11.65 12.40
C HIS A 50 -4.50 10.47 12.84
N PHE A 51 -5.09 9.78 11.87
CA PHE A 51 -5.98 8.63 12.10
C PHE A 51 -5.27 7.44 12.78
N ASN A 52 -3.96 7.27 12.55
CA ASN A 52 -3.17 6.20 13.16
C ASN A 52 -2.99 6.42 14.66
N GLU A 53 -2.60 7.64 15.07
CA GLU A 53 -2.34 7.99 16.48
C GLU A 53 -3.64 8.05 17.37
N LEU A 54 -4.79 7.60 16.84
CA LEU A 54 -6.06 7.56 17.57
C LEU A 54 -6.10 6.38 18.55
N PRO A 55 -6.26 6.60 19.88
CA PRO A 55 -6.29 5.46 20.80
C PRO A 55 -7.65 4.75 20.81
N ARG A 56 -7.74 3.62 21.54
CA ARG A 56 -8.97 2.84 21.74
C ARG A 56 -9.33 2.86 23.23
N PRO A 57 -10.51 3.38 23.60
CA PRO A 57 -11.57 3.91 22.74
C PRO A 57 -11.38 5.38 22.36
N HIS A 58 -12.09 5.82 21.31
CA HIS A 58 -12.08 7.20 20.83
C HIS A 58 -13.36 7.46 20.05
N ALA A 59 -13.98 8.64 20.26
CA ALA A 59 -15.24 9.06 19.61
C ALA A 59 -15.21 8.98 18.10
N VAL A 60 -14.08 9.37 17.46
CA VAL A 60 -13.86 9.33 16.00
C VAL A 60 -13.98 7.88 15.52
N LEU A 61 -13.33 6.94 16.23
CA LEU A 61 -13.39 5.51 15.90
C LEU A 61 -14.77 4.93 16.12
N ASP A 62 -15.50 5.41 17.14
CA ASP A 62 -16.84 4.92 17.44
C ASP A 62 -17.87 5.35 16.41
N ILE A 63 -17.68 6.51 15.74
CA ILE A 63 -18.57 7.00 14.68
C ILE A 63 -18.26 6.19 13.41
N ILE A 64 -16.96 6.02 13.13
CA ILE A 64 -16.46 5.23 12.00
C ILE A 64 -17.00 3.78 12.12
N ASP A 65 -16.92 3.17 13.33
CA ASP A 65 -17.44 1.82 13.62
C ASP A 65 -18.92 1.69 13.27
N ALA A 66 -19.74 2.65 13.72
CA ALA A 66 -21.19 2.63 13.52
C ALA A 66 -21.60 2.78 12.08
N LEU A 67 -20.91 3.67 11.33
CA LEU A 67 -21.16 3.92 9.92
C LEU A 67 -20.83 2.68 9.08
N ILE A 68 -19.70 2.00 9.41
CA ILE A 68 -19.25 0.78 8.72
C ILE A 68 -20.22 -0.36 9.00
N GLN A 69 -20.65 -0.51 10.27
CA GLN A 69 -21.63 -1.52 10.65
C GLN A 69 -23.00 -1.30 9.97
N LEU A 70 -23.37 -0.02 9.74
CA LEU A 70 -24.59 0.39 9.04
C LEU A 70 -24.51 -0.04 7.57
N ILE A 71 -23.35 0.20 6.92
CA ILE A 71 -23.10 -0.14 5.52
C ILE A 71 -23.07 -1.67 5.33
N ILE A 72 -22.51 -2.40 6.30
CA ILE A 72 -22.46 -3.85 6.21
C ILE A 72 -23.87 -4.44 6.28
N LYS A 73 -24.75 -3.91 7.17
CA LYS A 73 -26.14 -4.38 7.29
C LYS A 73 -26.91 -4.01 6.02
N ALA A 74 -26.79 -2.76 5.59
CA ALA A 74 -27.45 -2.22 4.41
C ALA A 74 -27.04 -2.90 3.09
N GLN A 75 -25.81 -3.47 3.04
CA GLN A 75 -25.30 -4.17 1.84
C GLN A 75 -26.10 -5.41 1.53
N GLN A 76 -26.60 -6.07 2.57
CA GLN A 76 -27.38 -7.30 2.49
C GLN A 76 -28.66 -7.14 1.65
N THR A 77 -29.28 -5.95 1.70
CA THR A 77 -30.48 -5.64 0.90
C THR A 77 -30.03 -5.00 -0.46
N SER A 78 -29.21 -3.91 -0.46
CA SER A 78 -28.75 -3.28 -1.71
C SER A 78 -27.45 -2.44 -1.66
N GLU A 79 -26.89 -2.26 -2.87
CA GLU A 79 -25.71 -1.47 -3.22
C GLU A 79 -25.89 0.01 -2.90
N GLU A 80 -27.14 0.52 -3.10
CA GLU A 80 -27.62 1.91 -3.01
C GLU A 80 -27.09 2.73 -1.85
N PHE A 81 -27.05 2.13 -0.65
CA PHE A 81 -26.58 2.80 0.56
C PHE A 81 -25.09 3.04 0.55
N ALA A 82 -24.31 2.01 0.17
CA ALA A 82 -22.87 2.11 0.05
C ALA A 82 -22.54 3.15 -1.03
N ILE A 83 -23.26 3.12 -2.18
CA ILE A 83 -23.13 4.08 -3.30
C ILE A 83 -23.37 5.53 -2.81
N TYR A 84 -24.45 5.74 -2.03
CA TYR A 84 -24.81 7.03 -1.46
C TYR A 84 -23.76 7.56 -0.50
N ALA A 85 -23.31 6.69 0.47
CA ALA A 85 -22.31 7.01 1.47
C ALA A 85 -21.02 7.48 0.80
N LEU A 86 -20.60 6.78 -0.28
CA LEU A 86 -19.41 7.11 -1.07
C LEU A 86 -19.59 8.46 -1.78
N GLN A 87 -20.80 8.76 -2.29
CA GLN A 87 -21.07 10.06 -2.94
C GLN A 87 -20.87 11.19 -1.93
N GLN A 88 -21.43 11.02 -0.71
CA GLN A 88 -21.35 12.01 0.37
C GLN A 88 -19.93 12.24 0.84
N ILE A 89 -19.17 11.16 1.10
CA ILE A 89 -17.76 11.22 1.55
C ILE A 89 -16.92 11.96 0.51
N SER A 90 -17.08 11.58 -0.78
CA SER A 90 -16.41 12.18 -1.93
C SER A 90 -16.72 13.68 -1.97
N GLN A 91 -18.03 14.03 -1.91
CA GLN A 91 -18.49 15.40 -1.90
C GLN A 91 -17.87 16.22 -0.76
N LEU A 92 -17.65 15.58 0.40
CA LEU A 92 -17.03 16.24 1.56
C LEU A 92 -15.56 16.52 1.30
N LEU A 93 -14.85 15.54 0.71
CA LEU A 93 -13.42 15.64 0.39
C LEU A 93 -13.17 16.78 -0.59
N PHE A 94 -14.10 16.95 -1.56
CA PHE A 94 -14.08 18.02 -2.57
C PHE A 94 -14.31 19.38 -1.97
N ARG A 95 -14.83 19.42 -0.72
CA ARG A 95 -14.99 20.68 0.00
C ARG A 95 -13.62 21.21 0.46
N GLN A 96 -12.56 20.37 0.24
CA GLN A 96 -11.16 20.57 0.55
C GLN A 96 -10.92 20.83 2.04
N PRO A 97 -11.43 20.00 2.98
CA PRO A 97 -11.09 20.26 4.39
C PRO A 97 -9.56 20.21 4.61
N GLU A 98 -9.10 20.94 5.63
CA GLU A 98 -7.67 21.06 5.94
C GLU A 98 -7.25 20.24 7.16
N GLY A 99 -8.22 19.72 7.90
CA GLY A 99 -7.95 18.91 9.06
C GLY A 99 -7.45 17.54 8.64
N THR A 100 -6.17 17.23 8.92
CA THR A 100 -5.52 15.96 8.57
C THR A 100 -6.22 14.77 9.19
N LEU A 101 -6.72 14.91 10.43
CA LEU A 101 -7.46 13.85 11.11
C LEU A 101 -8.75 13.55 10.34
N LEU A 102 -9.52 14.61 9.97
CA LEU A 102 -10.74 14.47 9.18
C LEU A 102 -10.46 13.90 7.76
N LEU A 103 -9.46 14.43 7.03
CA LEU A 103 -9.12 13.95 5.69
C LEU A 103 -8.75 12.45 5.74
N GLU A 104 -7.89 12.07 6.69
CA GLU A 104 -7.47 10.68 6.87
C GLU A 104 -8.65 9.76 7.23
N SER A 105 -9.57 10.22 8.11
CA SER A 105 -10.76 9.49 8.55
C SER A 105 -11.71 9.28 7.39
N LEU A 106 -11.96 10.34 6.60
CA LEU A 106 -12.82 10.30 5.42
C LEU A 106 -12.26 9.36 4.34
N VAL A 107 -10.94 9.46 4.03
CA VAL A 107 -10.29 8.59 3.05
C VAL A 107 -10.33 7.12 3.54
N HIS A 108 -10.26 6.92 4.88
CA HIS A 108 -10.32 5.59 5.48
C HIS A 108 -11.68 4.97 5.32
N VAL A 109 -12.73 5.74 5.61
CA VAL A 109 -14.10 5.26 5.51
C VAL A 109 -14.43 4.94 4.06
N LEU A 110 -14.01 5.82 3.13
CA LEU A 110 -14.23 5.69 1.69
C LEU A 110 -13.63 4.40 1.17
N GLU A 111 -12.35 4.16 1.47
CA GLU A 111 -11.65 2.96 1.04
C GLU A 111 -12.25 1.64 1.56
N THR A 112 -12.85 1.67 2.76
CA THR A 112 -13.53 0.53 3.39
C THR A 112 -14.84 0.21 2.67
N ILE A 113 -15.67 1.24 2.44
CA ILE A 113 -16.97 1.12 1.77
C ILE A 113 -16.75 0.68 0.30
N ARG A 114 -15.66 1.12 -0.35
CA ARG A 114 -15.34 0.70 -1.72
C ARG A 114 -15.05 -0.81 -1.75
N LYS A 115 -14.37 -1.32 -0.70
CA LYS A 115 -14.05 -2.74 -0.54
C LYS A 115 -15.33 -3.52 -0.20
N ILE A 116 -16.17 -2.99 0.72
CA ILE A 116 -17.42 -3.62 1.10
C ILE A 116 -18.36 -3.79 -0.13
N ALA A 117 -18.47 -2.71 -0.95
CA ALA A 117 -19.36 -2.56 -2.11
C ALA A 117 -18.95 -3.28 -3.41
N GLY A 118 -17.82 -3.95 -3.41
CA GLY A 118 -17.39 -4.68 -4.59
C GLY A 118 -16.65 -3.81 -5.59
N PRO A 119 -16.13 -4.41 -6.68
CA PRO A 119 -15.29 -3.64 -7.62
C PRO A 119 -16.00 -2.77 -8.65
N GLN A 120 -17.30 -3.01 -8.90
CA GLN A 120 -18.08 -2.24 -9.87
C GLN A 120 -18.22 -0.86 -9.30
N VAL A 121 -18.74 -0.78 -8.05
CA VAL A 121 -18.92 0.45 -7.28
C VAL A 121 -17.57 1.10 -6.98
N SER A 122 -16.55 0.28 -6.62
CA SER A 122 -15.20 0.78 -6.33
C SER A 122 -14.61 1.51 -7.55
N GLU A 123 -14.86 1.00 -8.78
CA GLU A 123 -14.39 1.65 -10.00
C GLU A 123 -15.18 2.95 -10.25
N GLN A 124 -16.51 2.94 -9.98
CA GLN A 124 -17.38 4.10 -10.14
C GLN A 124 -16.83 5.29 -9.34
N VAL A 125 -16.26 5.03 -8.16
CA VAL A 125 -15.67 6.04 -7.27
C VAL A 125 -14.40 6.63 -7.93
N ARG A 126 -13.53 5.75 -8.50
CA ARG A 126 -12.30 6.15 -9.20
C ARG A 126 -12.69 7.09 -10.33
N GLN A 127 -13.68 6.67 -11.13
CA GLN A 127 -14.20 7.44 -12.27
C GLN A 127 -14.79 8.78 -11.85
N LEU A 128 -15.49 8.85 -10.72
CA LEU A 128 -16.04 10.09 -10.18
C LEU A 128 -14.91 11.07 -9.83
N PHE A 129 -13.84 10.56 -9.18
CA PHE A 129 -12.67 11.37 -8.79
C PHE A 129 -11.96 11.90 -10.03
N HIS A 130 -11.74 11.01 -11.03
CA HIS A 130 -11.08 11.30 -12.29
C HIS A 130 -11.91 12.14 -13.27
N GLN A 131 -13.14 12.51 -12.87
CA GLN A 131 -14.11 13.33 -13.62
C GLN A 131 -14.17 14.75 -13.04
N GLN A 132 -13.57 14.96 -11.87
CA GLN A 132 -13.59 16.26 -11.20
C GLN A 132 -12.58 17.23 -11.79
N PRO A 133 -12.89 18.54 -11.87
CA PRO A 133 -11.89 19.49 -12.33
C PRO A 133 -10.66 19.52 -11.41
N GLY A 134 -9.49 19.40 -12.02
CA GLY A 134 -8.21 19.32 -11.36
C GLY A 134 -7.99 20.28 -10.21
N HIS A 135 -8.50 21.51 -10.33
CA HIS A 135 -8.34 22.54 -9.29
C HIS A 135 -8.89 22.14 -7.92
N LEU A 136 -9.83 21.16 -7.88
CA LEU A 136 -10.40 20.68 -6.63
C LEU A 136 -9.38 19.97 -5.77
N PHE A 137 -8.38 19.38 -6.41
CA PHE A 137 -7.32 18.63 -5.74
C PHE A 137 -6.14 19.49 -5.38
N LEU A 138 -6.18 20.78 -5.78
CA LEU A 138 -5.09 21.71 -5.49
C LEU A 138 -5.07 22.17 -4.04
N SER A 139 -4.87 21.18 -3.14
CA SER A 139 -4.76 21.21 -1.68
C SER A 139 -3.78 20.10 -1.32
N LEU A 140 -2.58 20.46 -0.86
CA LEU A 140 -1.54 19.50 -0.49
C LEU A 140 -1.99 18.49 0.56
N SER A 141 -2.76 18.94 1.58
CA SER A 141 -3.29 18.07 2.64
C SER A 141 -4.28 17.02 2.09
N LEU A 142 -5.06 17.38 1.02
CA LEU A 142 -6.01 16.48 0.34
C LEU A 142 -5.23 15.46 -0.48
N ILE A 143 -4.23 15.92 -1.27
CA ILE A 143 -3.38 15.04 -2.09
C ILE A 143 -2.75 14.04 -1.13
N ALA A 144 -2.05 14.51 -0.09
CA ALA A 144 -1.38 13.69 0.91
C ALA A 144 -2.28 12.55 1.40
N ALA A 145 -3.54 12.88 1.78
CA ALA A 145 -4.57 11.95 2.28
C ALA A 145 -4.92 10.89 1.24
N LEU A 146 -4.99 11.29 -0.03
CA LEU A 146 -5.37 10.45 -1.15
C LEU A 146 -4.22 9.64 -1.72
N LEU A 147 -2.96 9.97 -1.38
CA LEU A 147 -1.81 9.16 -1.85
C LEU A 147 -2.03 7.78 -1.23
N GLY A 148 -1.80 6.72 -2.00
CA GLY A 148 -2.11 5.40 -1.47
C GLY A 148 -3.48 4.89 -1.89
N THR A 149 -4.23 5.68 -2.71
CA THR A 149 -5.49 5.31 -3.34
C THR A 149 -5.27 5.46 -4.88
N ASP A 150 -6.25 5.05 -5.69
CA ASP A 150 -6.20 5.12 -7.16
C ASP A 150 -6.97 6.31 -7.69
N LEU A 151 -7.36 7.20 -6.76
CA LEU A 151 -8.23 8.36 -7.02
C LEU A 151 -7.53 9.63 -7.48
N LEU A 152 -6.20 9.68 -7.50
CA LEU A 152 -5.51 10.89 -7.96
C LEU A 152 -5.21 10.86 -9.46
N ASP A 153 -5.63 11.90 -10.22
CA ASP A 153 -5.37 11.98 -11.68
C ASP A 153 -4.32 13.05 -11.91
N TRP A 154 -3.06 12.62 -12.14
CA TRP A 154 -1.93 13.54 -12.30
C TRP A 154 -2.02 14.40 -13.54
N LYS A 155 -2.69 13.94 -14.63
CA LYS A 155 -2.88 14.81 -15.81
C LYS A 155 -3.77 16.02 -15.43
N ASN A 156 -4.93 15.76 -14.77
CA ASN A 156 -5.88 16.78 -14.33
C ASN A 156 -5.22 17.74 -13.35
N ILE A 157 -4.53 17.18 -12.32
CA ILE A 157 -3.82 17.96 -11.30
C ILE A 157 -2.75 18.83 -11.98
N ASP A 158 -1.95 18.24 -12.93
CA ASP A 158 -0.90 18.93 -13.68
C ASP A 158 -1.45 20.10 -14.44
N MET A 159 -2.53 19.86 -15.20
CA MET A 159 -3.21 20.87 -16.00
C MET A 159 -3.73 22.06 -15.17
N ALA A 160 -4.22 21.76 -13.96
CA ALA A 160 -4.76 22.70 -12.99
C ALA A 160 -3.72 23.68 -12.49
N MET A 161 -2.54 23.16 -12.06
CA MET A 161 -1.42 23.96 -11.56
C MET A 161 -0.86 24.76 -12.71
N ALA A 162 -0.73 24.13 -13.89
CA ALA A 162 -0.25 24.76 -15.12
C ALA A 162 -1.06 26.05 -15.38
N LYS A 163 -2.42 26.00 -15.27
CA LYS A 163 -3.30 27.16 -15.44
C LYS A 163 -3.03 28.22 -14.37
N ALA A 164 -2.92 27.83 -13.09
CA ALA A 164 -2.64 28.75 -11.98
C ALA A 164 -1.31 29.48 -12.17
N LEU A 165 -0.25 28.74 -12.60
CA LEU A 165 1.09 29.29 -12.88
C LEU A 165 1.06 30.31 -14.05
N GLU A 166 0.28 29.98 -15.12
CA GLU A 166 0.05 30.83 -16.30
C GLU A 166 -0.65 32.12 -15.84
N GLN A 167 -1.67 31.96 -14.97
CA GLN A 167 -2.47 33.03 -14.37
C GLN A 167 -1.65 33.83 -13.34
N ARG A 168 -0.40 33.39 -13.07
CA ARG A 168 0.54 34.00 -12.10
C ARG A 168 -0.08 34.09 -10.69
N LYS A 169 -0.91 33.08 -10.36
CA LYS A 169 -1.60 32.95 -9.08
C LYS A 169 -0.57 32.85 -7.93
N GLU A 170 -0.80 33.62 -6.85
CA GLU A 170 0.03 33.75 -5.65
C GLU A 170 0.44 32.40 -5.03
N GLY A 171 1.76 32.14 -5.09
CA GLY A 171 2.43 30.97 -4.53
C GLY A 171 2.20 29.62 -5.20
N SER A 172 1.96 29.60 -6.51
CA SER A 172 1.75 28.36 -7.21
C SER A 172 3.05 27.58 -7.41
N ILE A 173 4.19 28.29 -7.61
CA ILE A 173 5.51 27.68 -7.74
C ILE A 173 5.82 26.93 -6.44
N ASP A 174 5.43 27.53 -5.30
CA ASP A 174 5.59 26.96 -3.98
C ASP A 174 4.73 25.71 -3.85
N PHE A 175 3.48 25.75 -4.36
CA PHE A 175 2.60 24.59 -4.33
C PHE A 175 3.19 23.47 -5.18
N LEU A 176 3.78 23.83 -6.35
CA LEU A 176 4.39 22.86 -7.27
C LEU A 176 5.58 22.17 -6.64
N GLU A 177 6.56 22.93 -6.05
CA GLU A 177 7.73 22.38 -5.35
C GLU A 177 7.25 21.40 -4.28
N GLN A 178 6.37 21.91 -3.40
CA GLN A 178 5.77 21.18 -2.29
C GLN A 178 5.13 19.88 -2.73
N LEU A 179 4.35 19.92 -3.84
CA LEU A 179 3.72 18.73 -4.41
C LEU A 179 4.76 17.71 -4.88
N MET A 180 5.87 18.18 -5.48
CA MET A 180 6.96 17.34 -5.99
C MET A 180 7.74 16.67 -4.89
N ASP A 181 8.02 17.38 -3.78
CA ASP A 181 8.71 16.78 -2.64
C ASP A 181 7.79 15.69 -2.05
N LEU A 182 6.49 15.95 -2.10
CA LEU A 182 5.49 15.07 -1.56
C LEU A 182 5.34 13.78 -2.35
N VAL A 183 5.40 13.82 -3.71
CA VAL A 183 5.16 12.64 -4.54
C VAL A 183 6.41 12.03 -5.21
N LEU A 184 7.35 12.86 -5.62
CA LEU A 184 8.55 12.38 -6.30
C LEU A 184 9.66 12.09 -5.32
N LEU A 185 10.15 13.12 -4.57
CA LEU A 185 11.25 13.03 -3.59
C LEU A 185 11.05 11.92 -2.54
N ASN A 186 9.81 11.41 -2.42
CA ASN A 186 9.41 10.27 -1.61
C ASN A 186 10.08 9.03 -2.30
N ASP A 187 11.12 8.42 -1.64
CA ASP A 187 11.95 7.30 -2.10
C ASP A 187 11.19 6.16 -2.85
N THR A 188 9.89 5.93 -2.48
CA THR A 188 8.94 5.03 -3.12
C THR A 188 7.91 5.99 -3.78
N PRO A 189 8.18 6.47 -5.04
CA PRO A 189 7.30 7.50 -5.64
C PRO A 189 5.98 7.00 -6.19
N LEU A 190 4.97 7.86 -6.04
CA LEU A 190 3.59 7.62 -6.47
C LEU A 190 3.30 8.31 -7.80
N ALA A 191 4.26 9.15 -8.28
CA ALA A 191 4.22 9.85 -9.56
C ALA A 191 5.61 10.01 -10.14
N LEU A 192 5.65 10.36 -11.42
CA LEU A 192 6.87 10.62 -12.17
C LEU A 192 6.99 12.11 -12.41
N PHE A 193 8.22 12.58 -12.58
CA PHE A 193 8.46 13.99 -12.82
C PHE A 193 7.75 14.43 -14.12
N THR A 194 7.64 13.50 -15.09
CA THR A 194 6.98 13.69 -16.37
C THR A 194 5.48 13.82 -16.23
N ASP A 195 4.89 13.38 -15.09
CA ASP A 195 3.44 13.50 -14.85
C ASP A 195 3.09 14.96 -14.69
N PHE A 196 4.13 15.82 -14.52
CA PHE A 196 3.99 17.26 -14.31
C PHE A 196 4.67 18.15 -15.37
N VAL A 197 4.76 17.69 -16.65
CA VAL A 197 5.38 18.47 -17.74
C VAL A 197 4.83 19.86 -17.81
N ARG A 198 3.50 19.95 -17.91
CA ARG A 198 2.81 21.21 -18.15
C ARG A 198 3.03 22.23 -17.05
N SER A 199 3.03 21.78 -15.77
CA SER A 199 3.29 22.63 -14.60
C SER A 199 4.73 23.12 -14.65
N LEU A 200 5.68 22.19 -14.88
CA LEU A 200 7.10 22.48 -15.01
C LEU A 200 7.33 23.57 -16.06
N GLU A 201 6.70 23.47 -17.24
CA GLU A 201 6.83 24.45 -18.32
C GLU A 201 6.29 25.81 -17.92
N ALA A 202 5.05 25.83 -17.39
CA ALA A 202 4.34 27.02 -16.90
C ALA A 202 5.19 27.75 -15.85
N ALA A 203 5.79 26.98 -14.91
CA ALA A 203 6.64 27.47 -13.83
C ALA A 203 7.96 27.97 -14.39
N TRP A 204 8.54 27.27 -15.37
CA TRP A 204 9.81 27.70 -15.98
C TRP A 204 9.65 29.02 -16.72
N ALA A 205 8.53 29.17 -17.46
CA ALA A 205 8.18 30.36 -18.21
C ALA A 205 8.13 31.59 -17.29
N TRP A 206 7.52 31.43 -16.10
CA TRP A 206 7.39 32.47 -15.07
C TRP A 206 8.77 32.87 -14.54
N ILE A 207 9.68 31.89 -14.37
CA ILE A 207 11.06 32.11 -13.92
C ILE A 207 11.88 32.83 -15.02
N VAL A 208 11.60 32.52 -16.31
CA VAL A 208 12.23 33.14 -17.48
C VAL A 208 11.89 34.65 -17.53
N GLU A 209 10.58 34.97 -17.39
CA GLU A 209 9.97 36.30 -17.37
C GLU A 209 10.52 37.13 -16.18
N ASP A 210 10.22 36.69 -14.93
CA ASP A 210 10.67 37.34 -13.70
C ASP A 210 11.60 36.44 -12.86
N PRO A 211 12.94 36.48 -13.12
CA PRO A 211 13.88 35.65 -12.35
C PRO A 211 13.98 36.06 -10.88
N ASP A 212 13.75 37.36 -10.60
CA ASP A 212 13.79 37.98 -9.27
C ASP A 212 12.58 37.56 -8.37
N LEU A 213 12.33 36.24 -8.26
CA LEU A 213 11.28 35.66 -7.41
C LEU A 213 11.93 34.74 -6.36
N PRO A 214 11.35 34.60 -5.13
CA PRO A 214 12.01 33.76 -4.11
C PRO A 214 11.85 32.26 -4.33
N ALA A 215 10.61 31.79 -4.59
CA ALA A 215 10.32 30.38 -4.86
C ALA A 215 11.02 29.95 -6.16
N ALA A 216 11.33 30.93 -7.07
CA ALA A 216 12.00 30.73 -8.37
C ALA A 216 13.40 30.18 -8.24
N GLN A 217 14.14 30.61 -7.20
CA GLN A 217 15.51 30.14 -6.95
C GLN A 217 15.52 28.68 -6.50
N ARG A 218 14.68 28.34 -5.48
CA ARG A 218 14.55 26.99 -4.93
C ARG A 218 14.18 26.01 -6.03
N PHE A 219 13.11 26.32 -6.81
CA PHE A 219 12.59 25.53 -7.93
C PHE A 219 13.61 25.37 -9.05
N LYS A 220 14.25 26.48 -9.52
CA LYS A 220 15.30 26.44 -10.56
C LYS A 220 16.29 25.32 -10.22
N ALA A 221 16.70 25.26 -8.93
CA ALA A 221 17.62 24.26 -8.39
C ALA A 221 17.01 22.86 -8.45
N LYS A 222 15.76 22.64 -7.93
CA LYS A 222 15.04 21.34 -7.95
C LYS A 222 15.00 20.71 -9.36
N VAL A 223 14.77 21.54 -10.40
CA VAL A 223 14.69 21.17 -11.81
C VAL A 223 16.07 20.74 -12.27
N ARG A 224 17.08 21.61 -12.12
CA ARG A 224 18.45 21.33 -12.55
C ARG A 224 19.05 20.14 -11.78
N ALA A 225 18.46 19.79 -10.60
CA ALA A 225 18.89 18.69 -9.73
C ALA A 225 18.63 17.31 -10.30
N GLN A 226 17.35 17.02 -10.68
CA GLN A 226 16.85 15.76 -11.21
C GLN A 226 17.78 15.05 -12.24
N LEU B 20 -16.67 -13.57 19.11
CA LEU B 20 -17.73 -13.66 20.12
C LEU B 20 -18.12 -15.14 20.43
N ASN B 21 -19.06 -15.75 19.64
CA ASN B 21 -19.52 -17.15 19.77
C ASN B 21 -18.43 -18.05 19.16
N GLN B 22 -17.88 -19.05 19.92
CA GLN B 22 -16.79 -19.92 19.46
C GLN B 22 -17.18 -20.92 18.33
N ILE B 23 -18.45 -21.36 18.28
CA ILE B 23 -18.90 -22.25 17.20
C ILE B 23 -19.04 -21.40 15.90
N ASP B 24 -19.45 -20.12 16.04
CA ASP B 24 -19.58 -19.17 14.93
C ASP B 24 -18.20 -18.60 14.51
N SER B 25 -17.26 -18.45 15.48
CA SER B 25 -15.88 -17.97 15.28
C SER B 25 -15.15 -19.00 14.39
N ARG B 26 -15.42 -20.31 14.64
CA ARG B 26 -14.89 -21.44 13.88
C ARG B 26 -15.41 -21.40 12.43
N ALA B 27 -16.67 -20.94 12.20
CA ALA B 27 -17.25 -20.85 10.85
C ALA B 27 -16.54 -19.83 9.97
N VAL B 28 -15.96 -18.77 10.59
CA VAL B 28 -15.24 -17.68 9.95
C VAL B 28 -13.84 -18.18 9.56
N ALA B 29 -13.15 -18.86 10.50
CA ALA B 29 -11.83 -19.45 10.30
C ALA B 29 -11.86 -20.45 9.16
N GLU B 30 -12.92 -21.27 9.07
CA GLU B 30 -13.05 -22.25 8.00
C GLU B 30 -13.26 -21.59 6.66
N ARG B 31 -13.96 -20.43 6.65
CA ARG B 31 -14.19 -19.67 5.44
C ARG B 31 -12.91 -18.94 5.03
N ILE B 32 -12.07 -18.55 6.02
CA ILE B 32 -10.76 -17.93 5.76
C ILE B 32 -9.93 -19.01 5.05
N ASN B 33 -9.80 -20.21 5.66
CA ASN B 33 -9.07 -21.34 5.08
C ASN B 33 -9.58 -21.72 3.72
N LYS B 34 -10.90 -21.77 3.52
CA LYS B 34 -11.46 -22.07 2.20
C LYS B 34 -10.95 -21.08 1.18
N TYR B 35 -10.99 -19.78 1.50
CA TYR B 35 -10.52 -18.74 0.60
C TYR B 35 -9.05 -18.93 0.26
N LEU B 36 -8.22 -19.32 1.25
CA LEU B 36 -6.77 -19.58 1.03
C LEU B 36 -6.55 -20.84 0.20
N GLU B 37 -7.41 -21.88 0.38
CA GLU B 37 -7.38 -23.10 -0.41
C GLU B 37 -7.72 -22.71 -1.85
N GLN B 38 -8.79 -21.91 -2.04
CA GLN B 38 -9.30 -21.45 -3.33
C GLN B 38 -8.30 -20.58 -4.07
N LEU B 39 -7.57 -19.72 -3.33
CA LEU B 39 -6.58 -18.82 -3.89
C LEU B 39 -5.41 -19.63 -4.41
N THR B 40 -4.96 -20.62 -3.61
CA THR B 40 -3.87 -21.53 -3.94
C THR B 40 -4.17 -22.22 -5.28
N ALA B 41 -5.42 -22.65 -5.46
CA ALA B 41 -5.91 -23.32 -6.65
C ALA B 41 -5.96 -22.35 -7.84
N ALA B 42 -6.67 -21.21 -7.68
CA ALA B 42 -6.90 -20.20 -8.69
C ALA B 42 -5.63 -19.56 -9.23
N ALA B 43 -4.66 -19.27 -8.35
CA ALA B 43 -3.39 -18.64 -8.72
C ALA B 43 -2.54 -19.64 -9.46
N THR B 44 -2.65 -20.94 -9.09
CA THR B 44 -1.86 -22.01 -9.70
C THR B 44 -2.31 -22.25 -11.12
N SER B 45 -3.64 -22.47 -11.31
CA SER B 45 -4.26 -22.71 -12.61
C SER B 45 -4.11 -21.55 -13.58
N ALA B 46 -4.43 -20.32 -13.14
CA ALA B 46 -4.33 -19.09 -13.92
C ALA B 46 -3.03 -18.96 -14.72
N THR B 47 -3.17 -18.52 -15.98
CA THR B 47 -2.09 -18.30 -16.95
C THR B 47 -1.13 -17.17 -16.52
N GLU B 48 -1.69 -16.05 -15.99
CA GLU B 48 -0.96 -14.87 -15.51
C GLU B 48 0.10 -15.28 -14.49
N GLU B 49 1.32 -14.76 -14.62
CA GLU B 49 2.42 -15.10 -13.70
C GLU B 49 2.59 -14.04 -12.60
N HIS B 50 1.99 -12.86 -12.80
CA HIS B 50 2.11 -11.74 -11.87
C HIS B 50 0.76 -11.13 -11.50
N PHE B 51 0.67 -10.64 -10.26
CA PHE B 51 -0.55 -10.04 -9.71
C PHE B 51 -0.96 -8.73 -10.42
N ASN B 52 0.01 -7.99 -10.97
CA ASN B 52 -0.25 -6.76 -11.73
C ASN B 52 -0.94 -7.03 -13.05
N GLU B 53 -0.46 -8.02 -13.83
CA GLU B 53 -1.03 -8.40 -15.14
C GLU B 53 -2.44 -9.11 -15.08
N LEU B 54 -3.10 -9.17 -13.89
CA LEU B 54 -4.44 -9.77 -13.76
C LEU B 54 -5.54 -8.85 -14.31
N PRO B 55 -6.37 -9.33 -15.26
CA PRO B 55 -7.46 -8.48 -15.75
C PRO B 55 -8.69 -8.50 -14.82
N ARG B 56 -9.67 -7.63 -15.11
CA ARG B 56 -10.96 -7.55 -14.41
C ARG B 56 -12.08 -7.92 -15.41
N PRO B 57 -12.86 -8.98 -15.12
CA PRO B 57 -12.83 -9.83 -13.91
C PRO B 57 -11.83 -10.97 -14.00
N HIS B 58 -11.51 -11.56 -12.85
CA HIS B 58 -10.61 -12.70 -12.73
C HIS B 58 -10.91 -13.42 -11.42
N ALA B 59 -10.93 -14.77 -11.45
CA ALA B 59 -11.22 -15.62 -10.30
C ALA B 59 -10.33 -15.36 -9.09
N VAL B 60 -9.01 -15.09 -9.32
CA VAL B 60 -8.01 -14.78 -8.28
C VAL B 60 -8.44 -13.49 -7.54
N LEU B 61 -8.83 -12.44 -8.31
CA LEU B 61 -9.31 -11.18 -7.75
C LEU B 61 -10.61 -11.33 -7.01
N ASP B 62 -11.51 -12.23 -7.47
CA ASP B 62 -12.81 -12.45 -6.86
C ASP B 62 -12.68 -13.18 -5.51
N ILE B 63 -11.65 -14.03 -5.33
CA ILE B 63 -11.38 -14.73 -4.05
C ILE B 63 -10.78 -13.71 -3.08
N ILE B 64 -9.81 -12.92 -3.59
CA ILE B 64 -9.16 -11.84 -2.84
C ILE B 64 -10.24 -10.85 -2.34
N ASP B 65 -11.18 -10.44 -3.22
CA ASP B 65 -12.30 -9.54 -2.88
C ASP B 65 -13.13 -10.07 -1.73
N ALA B 66 -13.55 -11.35 -1.79
CA ALA B 66 -14.40 -11.99 -0.81
C ALA B 66 -13.74 -12.14 0.56
N LEU B 67 -12.44 -12.51 0.58
CA LEU B 67 -11.64 -12.67 1.79
C LEU B 67 -11.49 -11.32 2.50
N ILE B 68 -11.23 -10.23 1.72
CA ILE B 68 -11.08 -8.89 2.27
C ILE B 68 -12.41 -8.39 2.86
N GLN B 69 -13.51 -8.54 2.11
CA GLN B 69 -14.87 -8.21 2.58
C GLN B 69 -15.19 -8.96 3.91
N LEU B 70 -14.81 -10.28 4.00
CA LEU B 70 -14.98 -11.13 5.18
C LEU B 70 -14.22 -10.58 6.40
N ILE B 71 -12.94 -10.17 6.19
CA ILE B 71 -12.07 -9.62 7.24
C ILE B 71 -12.63 -8.28 7.72
N ILE B 72 -13.19 -7.46 6.80
CA ILE B 72 -13.77 -6.16 7.14
C ILE B 72 -15.01 -6.34 8.03
N LYS B 73 -15.89 -7.33 7.71
CA LYS B 73 -17.07 -7.62 8.52
C LYS B 73 -16.64 -8.18 9.89
N ALA B 74 -15.71 -9.17 9.88
CA ALA B 74 -15.18 -9.82 11.08
C ALA B 74 -14.44 -8.87 12.01
N GLN B 75 -13.85 -7.77 11.49
CA GLN B 75 -13.11 -6.77 12.29
C GLN B 75 -14.00 -6.07 13.29
N GLN B 76 -15.27 -5.87 12.90
CA GLN B 76 -16.28 -5.18 13.69
C GLN B 76 -16.53 -5.84 15.05
N THR B 77 -16.44 -7.20 15.10
CA THR B 77 -16.59 -7.98 16.34
C THR B 77 -15.19 -8.16 17.01
N SER B 78 -14.20 -8.78 16.32
CA SER B 78 -12.84 -8.95 16.89
C SER B 78 -11.68 -8.98 15.88
N GLU B 79 -10.51 -8.53 16.35
CA GLU B 79 -9.27 -8.53 15.57
C GLU B 79 -8.73 -9.95 15.34
N GLU B 80 -9.16 -10.90 16.21
CA GLU B 80 -8.85 -12.33 16.22
C GLU B 80 -8.86 -12.97 14.84
N PHE B 81 -9.83 -12.61 14.00
CA PHE B 81 -9.96 -13.13 12.64
C PHE B 81 -8.89 -12.62 11.70
N ALA B 82 -8.61 -11.30 11.72
CA ALA B 82 -7.56 -10.73 10.89
C ALA B 82 -6.23 -11.35 11.36
N ILE B 83 -6.00 -11.42 12.70
CA ILE B 83 -4.81 -12.02 13.31
C ILE B 83 -4.60 -13.47 12.81
N TYR B 84 -5.69 -14.28 12.80
CA TYR B 84 -5.68 -15.66 12.33
C TYR B 84 -5.36 -15.76 10.84
N ALA B 85 -6.04 -14.92 10.00
CA ALA B 85 -5.85 -14.87 8.55
C ALA B 85 -4.39 -14.58 8.22
N LEU B 86 -3.77 -13.61 8.96
CA LEU B 86 -2.36 -13.23 8.82
C LEU B 86 -1.43 -14.40 9.22
N GLN B 87 -1.78 -15.16 10.28
CA GLN B 87 -1.00 -16.34 10.70
C GLN B 87 -0.99 -17.37 9.58
N GLN B 88 -2.17 -17.66 8.98
CA GLN B 88 -2.32 -18.62 7.90
C GLN B 88 -1.55 -18.22 6.64
N ILE B 89 -1.69 -16.94 6.19
CA ILE B 89 -0.99 -16.41 5.01
C ILE B 89 0.52 -16.52 5.20
N SER B 90 1.02 -16.11 6.39
CA SER B 90 2.43 -16.15 6.79
C SER B 90 2.92 -17.60 6.74
N GLN B 91 2.15 -18.52 7.37
CA GLN B 91 2.46 -19.96 7.39
C GLN B 91 2.55 -20.54 5.97
N LEU B 92 1.71 -20.05 5.06
CA LEU B 92 1.72 -20.49 3.65
C LEU B 92 2.97 -20.01 2.94
N LEU B 93 3.37 -18.73 3.18
CA LEU B 93 4.56 -18.12 2.57
C LEU B 93 5.81 -18.86 2.99
N PHE B 94 5.85 -19.31 4.27
CA PHE B 94 6.95 -20.07 4.87
C PHE B 94 7.05 -21.46 4.28
N ARG B 95 5.99 -21.92 3.59
CA ARG B 95 6.01 -23.19 2.86
C ARG B 95 6.91 -23.09 1.63
N GLN B 96 7.36 -21.83 1.33
CA GLN B 96 8.22 -21.40 0.23
C GLN B 96 7.61 -21.74 -1.12
N PRO B 97 6.32 -21.39 -1.43
CA PRO B 97 5.81 -21.67 -2.78
C PRO B 97 6.65 -20.96 -3.85
N GLU B 98 6.64 -21.52 -5.06
CA GLU B 98 7.44 -21.05 -6.18
C GLU B 98 6.65 -20.28 -7.23
N GLY B 99 5.32 -20.39 -7.16
CA GLY B 99 4.40 -19.71 -8.07
C GLY B 99 4.38 -18.24 -7.78
N THR B 100 4.88 -17.43 -8.74
CA THR B 100 4.99 -15.96 -8.61
C THR B 100 3.61 -15.29 -8.46
N LEU B 101 2.55 -15.76 -9.19
CA LEU B 101 1.19 -15.23 -9.02
C LEU B 101 0.75 -15.50 -7.58
N LEU B 102 0.92 -16.75 -7.08
CA LEU B 102 0.58 -17.10 -5.69
C LEU B 102 1.32 -16.23 -4.66
N LEU B 103 2.67 -16.18 -4.75
CA LEU B 103 3.49 -15.41 -3.83
C LEU B 103 3.02 -13.95 -3.80
N GLU B 104 2.86 -13.34 -4.99
CA GLU B 104 2.41 -11.95 -5.12
C GLU B 104 1.00 -11.72 -4.55
N SER B 105 0.06 -12.66 -4.80
CA SER B 105 -1.32 -12.60 -4.30
C SER B 105 -1.37 -12.71 -2.78
N LEU B 106 -0.59 -13.67 -2.22
CA LEU B 106 -0.46 -13.87 -0.78
C LEU B 106 0.13 -12.64 -0.08
N VAL B 107 1.24 -12.08 -0.63
CA VAL B 107 1.88 -10.88 -0.07
C VAL B 107 0.92 -9.68 -0.15
N HIS B 108 0.08 -9.65 -1.22
CA HIS B 108 -0.93 -8.60 -1.41
C HIS B 108 -2.01 -8.66 -0.36
N VAL B 109 -2.54 -9.86 -0.12
CA VAL B 109 -3.62 -10.06 0.85
C VAL B 109 -3.11 -9.75 2.25
N LEU B 110 -1.88 -10.19 2.56
CA LEU B 110 -1.22 -9.98 3.86
C LEU B 110 -1.10 -8.50 4.16
N GLU B 111 -0.55 -7.73 3.21
CA GLU B 111 -0.36 -6.29 3.35
C GLU B 111 -1.67 -5.49 3.55
N THR B 112 -2.77 -5.98 2.96
CA THR B 112 -4.12 -5.41 3.06
C THR B 112 -4.69 -5.64 4.46
N ILE B 113 -4.64 -6.88 4.94
CA ILE B 113 -5.16 -7.27 6.24
C ILE B 113 -4.34 -6.58 7.36
N ARG B 114 -3.02 -6.35 7.15
CA ARG B 114 -2.17 -5.62 8.11
C ARG B 114 -2.66 -4.18 8.23
N LYS B 115 -3.08 -3.56 7.08
CA LYS B 115 -3.61 -2.19 7.05
C LYS B 115 -5.01 -2.19 7.69
N ILE B 116 -5.83 -3.23 7.40
CA ILE B 116 -7.17 -3.44 7.96
C ILE B 116 -7.13 -3.63 9.51
N ALA B 117 -6.06 -4.24 10.04
CA ALA B 117 -5.95 -4.60 11.45
C ALA B 117 -5.24 -3.57 12.35
N GLY B 118 -4.80 -2.46 11.75
CA GLY B 118 -4.14 -1.41 12.52
C GLY B 118 -2.66 -1.65 12.71
N PRO B 119 -1.92 -0.66 13.24
CA PRO B 119 -0.46 -0.83 13.37
C PRO B 119 0.00 -1.75 14.47
N GLN B 120 -0.87 -2.07 15.46
CA GLN B 120 -0.49 -2.96 16.57
C GLN B 120 -0.24 -4.36 15.98
N VAL B 121 -1.29 -4.87 15.29
CA VAL B 121 -1.32 -6.16 14.61
C VAL B 121 -0.32 -6.15 13.46
N SER B 122 -0.22 -5.02 12.72
CA SER B 122 0.74 -4.87 11.59
C SER B 122 2.17 -5.05 12.06
N GLU B 123 2.51 -4.53 13.26
CA GLU B 123 3.83 -4.66 13.87
C GLU B 123 4.07 -6.09 14.36
N GLN B 124 3.02 -6.77 14.87
CA GLN B 124 3.07 -8.17 15.30
C GLN B 124 3.48 -9.10 14.15
N VAL B 125 3.03 -8.80 12.91
CA VAL B 125 3.34 -9.55 11.68
C VAL B 125 4.83 -9.37 11.35
N ARG B 126 5.35 -8.11 11.44
CA ARG B 126 6.77 -7.79 11.20
C ARG B 126 7.61 -8.60 12.16
N GLN B 127 7.25 -8.56 13.46
CA GLN B 127 7.93 -9.29 14.52
C GLN B 127 7.90 -10.80 14.30
N LEU B 128 6.77 -11.37 13.81
CA LEU B 128 6.66 -12.80 13.50
C LEU B 128 7.63 -13.17 12.39
N PHE B 129 7.73 -12.34 11.33
CA PHE B 129 8.64 -12.58 10.20
C PHE B 129 10.08 -12.51 10.65
N HIS B 130 10.42 -11.47 11.48
CA HIS B 130 11.76 -11.21 12.03
C HIS B 130 12.16 -12.17 13.14
N GLN B 131 11.27 -13.13 13.49
CA GLN B 131 11.46 -14.18 14.50
C GLN B 131 11.72 -15.53 13.84
N GLN B 132 11.50 -15.63 12.54
CA GLN B 132 11.69 -16.87 11.80
C GLN B 132 13.15 -17.14 11.48
N PRO B 133 13.59 -18.42 11.51
CA PRO B 133 14.98 -18.72 11.12
C PRO B 133 15.23 -18.32 9.67
N GLY B 134 16.32 -17.57 9.48
CA GLY B 134 16.75 -17.03 8.21
C GLY B 134 16.65 -17.96 7.01
N HIS B 135 16.94 -19.25 7.21
CA HIS B 135 16.90 -20.26 6.12
C HIS B 135 15.53 -20.39 5.44
N LEU B 136 14.44 -19.98 6.12
CA LEU B 136 13.08 -20.02 5.57
C LEU B 136 12.93 -19.08 4.40
N PHE B 137 13.71 -18.00 4.38
CA PHE B 137 13.67 -16.96 3.38
C PHE B 137 14.63 -17.24 2.26
N LEU B 138 15.42 -18.31 2.37
CA LEU B 138 16.42 -18.67 1.35
C LEU B 138 15.78 -19.31 0.12
N SER B 139 14.92 -18.51 -0.55
CA SER B 139 14.13 -18.73 -1.76
C SER B 139 14.04 -17.37 -2.45
N LEU B 140 14.72 -17.22 -3.60
CA LEU B 140 14.74 -15.96 -4.36
C LEU B 140 13.37 -15.46 -4.72
N SER B 141 12.45 -16.37 -5.15
CA SER B 141 11.07 -16.02 -5.52
C SER B 141 10.26 -15.45 -4.31
N LEU B 142 10.54 -15.96 -3.08
CA LEU B 142 9.93 -15.50 -1.82
C LEU B 142 10.48 -14.11 -1.45
N ILE B 143 11.82 -13.94 -1.49
CA ILE B 143 12.47 -12.66 -1.21
C ILE B 143 11.86 -11.63 -2.16
N ALA B 144 11.93 -11.89 -3.48
CA ALA B 144 11.39 -11.04 -4.52
C ALA B 144 10.00 -10.52 -4.16
N ALA B 145 9.08 -11.44 -3.77
CA ALA B 145 7.68 -11.17 -3.40
C ALA B 145 7.58 -10.24 -2.20
N LEU B 146 8.49 -10.43 -1.22
CA LEU B 146 8.52 -9.68 0.04
C LEU B 146 9.27 -8.35 -0.05
N LEU B 147 10.05 -8.12 -1.14
CA LEU B 147 10.71 -6.81 -1.32
C LEU B 147 9.57 -5.79 -1.44
N GLY B 148 9.70 -4.65 -0.78
CA GLY B 148 8.60 -3.70 -0.79
C GLY B 148 7.73 -3.79 0.45
N THR B 149 8.05 -4.72 1.37
CA THR B 149 7.41 -4.87 2.68
C THR B 149 8.52 -4.66 3.73
N ASP B 150 8.17 -4.62 5.02
CA ASP B 150 9.11 -4.42 6.12
C ASP B 150 9.45 -5.73 6.79
N LEU B 151 9.05 -6.85 6.16
CA LEU B 151 9.16 -8.20 6.68
C LEU B 151 10.47 -8.92 6.42
N LEU B 152 11.39 -8.34 5.63
CA LEU B 152 12.68 -9.00 5.37
C LEU B 152 13.75 -8.54 6.37
N ASP B 153 14.41 -9.50 7.05
CA ASP B 153 15.48 -9.20 8.03
C ASP B 153 16.79 -9.63 7.42
N TRP B 154 17.56 -8.64 6.92
CA TRP B 154 18.81 -8.90 6.20
C TRP B 154 19.88 -9.50 7.08
N LYS B 155 19.88 -9.25 8.42
CA LYS B 155 20.85 -9.89 9.31
C LYS B 155 20.59 -11.40 9.35
N ASN B 156 19.31 -11.82 9.57
CA ASN B 156 18.89 -13.23 9.62
C ASN B 156 19.18 -13.92 8.29
N ILE B 157 18.76 -13.29 7.16
CA ILE B 157 18.99 -13.80 5.81
C ILE B 157 20.50 -13.97 5.55
N ASP B 158 21.31 -12.94 5.93
CA ASP B 158 22.76 -12.93 5.76
C ASP B 158 23.40 -14.05 6.53
N MET B 159 23.03 -14.21 7.80
CA MET B 159 23.53 -15.26 8.68
C MET B 159 23.21 -16.67 8.17
N ALA B 160 22.04 -16.85 7.53
CA ALA B 160 21.55 -18.10 6.95
C ALA B 160 22.41 -18.56 5.77
N MET B 161 22.71 -17.64 4.83
CA MET B 161 23.56 -17.94 3.67
C MET B 161 24.98 -18.18 4.14
N ALA B 162 25.45 -17.35 5.10
CA ALA B 162 26.77 -17.45 5.72
C ALA B 162 26.98 -18.88 6.24
N LYS B 163 25.96 -19.48 6.94
CA LYS B 163 26.01 -20.85 7.45
C LYS B 163 26.11 -21.85 6.31
N ALA B 164 25.27 -21.70 5.25
CA ALA B 164 25.28 -22.60 4.08
C ALA B 164 26.65 -22.59 3.39
N LEU B 165 27.26 -21.39 3.21
CA LEU B 165 28.58 -21.22 2.60
C LEU B 165 29.70 -21.87 3.45
N GLU B 166 29.61 -21.74 4.80
CA GLU B 166 30.52 -22.34 5.79
C GLU B 166 30.39 -23.88 5.68
N GLN B 167 29.13 -24.37 5.57
CA GLN B 167 28.78 -25.79 5.42
C GLN B 167 29.15 -26.31 4.02
N ARG B 168 29.65 -25.41 3.14
CA ARG B 168 30.03 -25.71 1.75
C ARG B 168 28.88 -26.33 0.95
N LYS B 169 27.64 -25.89 1.26
CA LYS B 169 26.40 -26.33 0.62
C LYS B 169 26.44 -26.01 -0.89
N GLU B 170 26.07 -27.01 -1.73
CA GLU B 170 26.06 -26.98 -3.19
C GLU B 170 25.28 -25.79 -3.80
N GLY B 171 25.98 -24.98 -4.58
CA GLY B 171 25.41 -23.83 -5.26
C GLY B 171 24.95 -22.69 -4.39
N SER B 172 25.51 -22.57 -3.16
CA SER B 172 25.18 -21.49 -2.23
C SER B 172 25.85 -20.17 -2.64
N ILE B 173 27.02 -20.23 -3.33
CA ILE B 173 27.71 -19.04 -3.85
C ILE B 173 26.82 -18.42 -4.96
N ASP B 174 26.23 -19.28 -5.83
CA ASP B 174 25.33 -18.80 -6.88
C ASP B 174 24.08 -18.13 -6.31
N PHE B 175 23.53 -18.67 -5.19
CA PHE B 175 22.36 -18.09 -4.52
C PHE B 175 22.69 -16.70 -4.01
N LEU B 176 23.87 -16.55 -3.36
CA LEU B 176 24.33 -15.26 -2.85
C LEU B 176 24.45 -14.24 -3.97
N GLU B 177 25.06 -14.65 -5.11
CA GLU B 177 25.22 -13.82 -6.30
C GLU B 177 23.85 -13.30 -6.78
N GLN B 178 22.92 -14.25 -7.05
CA GLN B 178 21.58 -13.97 -7.52
C GLN B 178 20.77 -13.11 -6.55
N LEU B 179 20.95 -13.31 -5.21
CA LEU B 179 20.26 -12.49 -4.23
C LEU B 179 20.71 -11.05 -4.31
N MET B 180 22.03 -10.84 -4.33
CA MET B 180 22.67 -9.52 -4.44
C MET B 180 22.20 -8.83 -5.71
N ASP B 181 22.14 -9.58 -6.84
CA ASP B 181 21.67 -9.12 -8.16
C ASP B 181 20.26 -8.51 -8.10
N LEU B 182 19.40 -9.04 -7.21
CA LEU B 182 17.99 -8.73 -7.01
C LEU B 182 17.71 -7.49 -6.14
N VAL B 183 18.49 -7.33 -5.04
CA VAL B 183 18.31 -6.27 -4.05
C VAL B 183 19.27 -5.06 -4.20
N LEU B 184 20.53 -5.32 -4.59
CA LEU B 184 21.57 -4.30 -4.73
C LEU B 184 21.59 -3.66 -6.11
N LEU B 185 21.88 -4.46 -7.19
CA LEU B 185 21.94 -4.04 -8.61
C LEU B 185 20.72 -3.21 -9.07
N ASN B 186 19.60 -3.34 -8.31
CA ASN B 186 18.36 -2.58 -8.46
C ASN B 186 18.73 -1.11 -8.06
N ASP B 187 18.79 -0.17 -9.06
CA ASP B 187 19.18 1.25 -8.95
C ASP B 187 18.65 2.00 -7.71
N THR B 188 17.45 1.59 -7.21
CA THR B 188 16.82 2.03 -5.96
C THR B 188 16.92 0.78 -5.03
N PRO B 189 18.06 0.60 -4.30
CA PRO B 189 18.24 -0.63 -3.51
C PRO B 189 17.45 -0.68 -2.20
N LEU B 190 16.99 -1.88 -1.86
CA LEU B 190 16.18 -2.17 -0.66
C LEU B 190 17.08 -2.72 0.45
N ALA B 191 18.33 -3.01 0.08
CA ALA B 191 19.41 -3.47 0.94
C ALA B 191 20.73 -2.89 0.43
N LEU B 192 21.76 -2.98 1.29
CA LEU B 192 23.11 -2.50 1.00
C LEU B 192 24.03 -3.70 0.91
N PHE B 193 25.17 -3.53 0.21
CA PHE B 193 26.16 -4.60 0.06
C PHE B 193 26.67 -5.02 1.45
N THR B 194 26.73 -4.05 2.40
CA THR B 194 27.12 -4.25 3.79
C THR B 194 26.08 -5.08 4.57
N ASP B 195 24.84 -5.21 4.06
CA ASP B 195 23.80 -6.03 4.70
C ASP B 195 24.15 -7.51 4.49
N PHE B 196 25.15 -7.80 3.60
CA PHE B 196 25.57 -9.17 3.31
C PHE B 196 27.04 -9.45 3.69
N VAL B 197 27.60 -8.68 4.63
CA VAL B 197 28.94 -8.81 5.19
C VAL B 197 29.34 -10.25 5.52
N ARG B 198 28.56 -10.96 6.34
CA ARG B 198 28.85 -12.32 6.79
C ARG B 198 28.86 -13.35 5.67
N SER B 199 27.93 -13.23 4.69
CA SER B 199 27.84 -14.09 3.51
C SER B 199 29.06 -13.85 2.64
N LEU B 200 29.39 -12.57 2.37
CA LEU B 200 30.54 -12.16 1.60
C LEU B 200 31.83 -12.79 2.17
N GLU B 201 32.01 -12.73 3.50
CA GLU B 201 33.18 -13.30 4.17
C GLU B 201 33.23 -14.81 4.03
N ALA B 202 32.10 -15.51 4.33
CA ALA B 202 31.93 -16.96 4.22
C ALA B 202 32.28 -17.44 2.81
N ALA B 203 31.78 -16.70 1.79
CA ALA B 203 31.99 -16.95 0.38
C ALA B 203 33.44 -16.71 0.00
N TRP B 204 34.05 -15.62 0.52
CA TRP B 204 35.44 -15.30 0.24
C TRP B 204 36.38 -16.37 0.79
N ALA B 205 36.08 -16.85 2.02
CA ALA B 205 36.84 -17.88 2.72
C ALA B 205 36.90 -19.16 1.89
N TRP B 206 35.75 -19.55 1.28
CA TRP B 206 35.62 -20.72 0.42
C TRP B 206 36.48 -20.56 -0.87
N ILE B 207 36.52 -19.34 -1.42
CA ILE B 207 37.34 -18.99 -2.60
C ILE B 207 38.84 -19.01 -2.23
N VAL B 208 39.19 -18.61 -1.00
CA VAL B 208 40.57 -18.60 -0.49
C VAL B 208 41.10 -20.05 -0.39
N GLU B 209 40.28 -20.96 0.21
CA GLU B 209 40.50 -22.39 0.42
C GLU B 209 40.63 -23.10 -0.95
N ASP B 210 39.54 -23.10 -1.73
CA ASP B 210 39.49 -23.73 -3.04
C ASP B 210 39.24 -22.70 -4.17
N PRO B 211 40.32 -22.10 -4.74
CA PRO B 211 40.12 -21.12 -5.83
C PRO B 211 39.58 -21.74 -7.11
N ASP B 212 39.93 -23.02 -7.36
CA ASP B 212 39.55 -23.82 -8.52
C ASP B 212 38.05 -24.22 -8.53
N LEU B 213 37.14 -23.24 -8.32
CA LEU B 213 35.69 -23.42 -8.34
C LEU B 213 35.08 -22.56 -9.47
N PRO B 214 33.95 -22.97 -10.10
CA PRO B 214 33.41 -22.18 -11.22
C PRO B 214 32.70 -20.90 -10.80
N ALA B 215 31.78 -20.98 -9.81
CA ALA B 215 31.04 -19.83 -9.28
C ALA B 215 32.01 -18.86 -8.60
N ALA B 216 33.20 -19.37 -8.14
CA ALA B 216 34.27 -18.62 -7.47
C ALA B 216 34.88 -17.53 -8.35
N GLN B 217 35.02 -17.79 -9.66
CA GLN B 217 35.59 -16.86 -10.62
C GLN B 217 34.66 -15.67 -10.83
N ARG B 218 33.37 -15.97 -11.13
CA ARG B 218 32.29 -15.01 -11.35
C ARG B 218 32.17 -14.06 -10.16
N PHE B 219 32.04 -14.63 -8.94
CA PHE B 219 31.90 -13.92 -7.66
C PHE B 219 33.14 -13.09 -7.33
N LYS B 220 34.37 -13.70 -7.44
CA LYS B 220 35.66 -13.03 -7.20
C LYS B 220 35.69 -11.68 -7.94
N ALA B 221 35.16 -11.66 -9.20
CA ALA B 221 35.04 -10.48 -10.05
C ALA B 221 33.97 -9.52 -9.53
N LYS B 222 32.74 -10.01 -9.23
CA LYS B 222 31.61 -9.20 -8.70
C LYS B 222 31.99 -8.36 -7.47
N VAL B 223 32.78 -8.97 -6.55
CA VAL B 223 33.29 -8.34 -5.32
C VAL B 223 34.33 -7.28 -5.72
N ARG B 224 35.30 -7.67 -6.60
CA ARG B 224 36.37 -6.80 -7.13
C ARG B 224 35.84 -5.74 -8.12
N ALA B 225 34.52 -5.71 -8.34
CA ALA B 225 33.82 -4.77 -9.20
C ALA B 225 33.31 -3.57 -8.40
N GLN B 226 32.59 -3.83 -7.28
CA GLN B 226 31.99 -2.87 -6.34
C GLN B 226 32.83 -1.61 -6.14
#